data_3EYK
#
_entry.id   3EYK
#
_cell.length_a   139.098
_cell.length_b   139.098
_cell.length_c   139.098
_cell.angle_alpha   90.00
_cell.angle_beta   90.00
_cell.angle_gamma   90.00
#
_symmetry.space_group_name_H-M   'P 21 3'
#
loop_
_entity.id
_entity.type
_entity.pdbx_description
1 polymer 'Hemagglutinin HA1 chain'
2 polymer 'Hemagglutinin HA2 chain'
3 non-polymer 2-tert-butylbenzene-1,4-diol
4 water water
#
loop_
_entity_poly.entity_id
_entity_poly.type
_entity_poly.pdbx_seq_one_letter_code
_entity_poly.pdbx_strand_id
1 'polypeptide(L)'
;GNPIICLGHHAVENGTSVKTLTDNHVEVVSAKELVETKHTDELCPSPLKLVDGQDCDLINGALGSPGCDRLQDTTWDVFI
ERPTAVDTCYPFDVPDYQSLRSILASSGSLEFIAEQFTWNGVKVDGSSSACLRGGRNSFFSRLNWLTKATNGNYGPINVT
KENTGSYVRLYLWGVHHPSSDNEQTDLYKVATGRVTVSTRSDQISIVPNIGSRPRVRNQSGRISIYWTLVNPGDSIIFNS
IGNLIAPRGHYKISKSTKSTVLKSDKRIGSCTSPCLTDKGSIQSDKPFQNVSRIAIGNCPKYVKQGSLMLATGMRNIPGK
QAK
;
A
2 'polypeptide(L)'
;GLFGAIAGFIENGWQGLIDGWYGFRHQNAEGTGTAADLKSTQAAIDQINGKLNRLIEKTNEKYHQIEKEFEQVEGRIQDL
EKYVEDTKIDLWSYNAELLVALENQHTIDVTDSEMNKLFERVRRQLRENAEDQGNGCFEIFHQCDNNCIESIRNGTYDHN
IYRDEAINNRIK
;
B
#
loop_
_chem_comp.id
_chem_comp.type
_chem_comp.name
_chem_comp.formula
EYK non-polymer 2-tert-butylbenzene-1,4-diol 'C10 H14 O2'
#
# COMPACT_ATOMS: atom_id res chain seq x y z
N GLY A 1 -2.31 39.53 -53.29
CA GLY A 1 -2.51 38.59 -52.16
C GLY A 1 -3.01 37.23 -52.61
N ASN A 2 -2.25 36.20 -52.23
CA ASN A 2 -2.67 34.81 -52.48
C ASN A 2 -3.30 34.27 -51.22
N PRO A 3 -4.21 33.28 -51.35
CA PRO A 3 -4.69 32.66 -50.10
C PRO A 3 -3.55 31.97 -49.34
N ILE A 4 -3.65 31.95 -48.01
CA ILE A 4 -2.72 31.20 -47.17
C ILE A 4 -3.47 30.17 -46.37
N ILE A 5 -2.78 29.10 -45.98
CA ILE A 5 -3.35 28.17 -45.00
C ILE A 5 -2.27 27.86 -43.98
N CYS A 6 -2.62 28.04 -42.71
CA CYS A 6 -1.69 27.85 -41.61
C CYS A 6 -2.04 26.64 -40.76
N LEU A 7 -1.02 25.86 -40.43
CA LEU A 7 -1.17 24.77 -39.44
C LEU A 7 -0.78 25.27 -38.06
N GLY A 8 -1.52 24.86 -37.05
CA GLY A 8 -1.22 25.29 -35.71
C GLY A 8 -1.73 24.28 -34.71
N HIS A 9 -1.67 24.65 -33.44
CA HIS A 9 -2.06 23.76 -32.37
C HIS A 9 -2.76 24.60 -31.32
N HIS A 10 -3.35 24.04 -30.19
CA HIS A 10 -4.10 24.76 -29.17
C HIS A 10 -3.26 25.38 -28.12
N ALA A 11 -3.82 26.32 -27.35
CA ALA A 11 -3.06 26.96 -26.29
C ALA A 11 -4.01 27.53 -25.24
N VAL A 12 -3.82 27.13 -23.98
CA VAL A 12 -4.74 27.59 -22.94
C VAL A 12 -4.08 28.72 -22.19
N GLU A 13 -4.87 29.51 -21.47
CA GLU A 13 -4.33 30.66 -20.72
C GLU A 13 -3.37 30.23 -19.59
N ASN A 14 -3.76 29.19 -18.84
CA ASN A 14 -3.04 28.71 -17.65
C ASN A 14 -2.52 27.28 -17.82
N GLY A 15 -1.21 27.14 -18.07
CA GLY A 15 -0.60 25.81 -18.20
C GLY A 15 -0.29 25.12 -16.89
N THR A 16 0.34 23.95 -16.95
CA THR A 16 0.79 23.23 -15.77
C THR A 16 2.24 22.85 -15.99
N SER A 17 3.04 23.02 -14.96
CA SER A 17 4.46 22.73 -15.02
C SER A 17 4.75 21.28 -14.76
N VAL A 18 5.58 20.68 -15.61
CA VAL A 18 6.06 19.33 -15.44
C VAL A 18 7.58 19.38 -15.46
N LYS A 19 8.22 18.27 -15.10
CA LYS A 19 9.65 18.12 -15.27
C LYS A 19 9.95 17.15 -16.41
N THR A 20 11.08 17.35 -17.08
CA THR A 20 11.57 16.44 -18.08
C THR A 20 13.04 16.14 -17.77
N LEU A 21 13.74 15.41 -18.63
CA LEU A 21 15.13 15.05 -18.34
C LEU A 21 16.03 16.28 -18.31
N THR A 22 15.62 17.36 -18.97
CA THR A 22 16.51 18.50 -19.11
C THR A 22 15.97 19.76 -18.45
N ASP A 23 14.74 19.71 -17.93
CA ASP A 23 14.10 20.93 -17.42
C ASP A 23 13.21 20.67 -16.19
N ASN A 24 13.38 21.52 -15.18
CA ASN A 24 12.58 21.48 -13.93
C ASN A 24 11.15 21.97 -14.04
N HIS A 25 10.90 22.82 -15.01
CA HIS A 25 9.73 23.66 -15.07
C HIS A 25 9.50 23.76 -16.55
N VAL A 26 8.51 23.07 -17.04
CA VAL A 26 8.14 23.13 -18.44
C VAL A 26 6.63 23.12 -18.39
N GLU A 27 6.07 24.12 -19.07
CA GLU A 27 4.65 24.35 -19.04
C GLU A 27 3.99 23.64 -20.22
N VAL A 28 3.06 22.76 -19.87
CA VAL A 28 2.25 22.05 -20.83
C VAL A 28 0.76 22.35 -20.64
N VAL A 29 -0.02 22.05 -21.67
CA VAL A 29 -1.46 22.29 -21.67
C VAL A 29 -2.20 21.57 -20.52
N SER A 30 -1.83 20.31 -20.24
CA SER A 30 -2.49 19.49 -19.22
C SER A 30 -1.54 18.45 -18.63
N ALA A 31 -1.87 17.99 -17.43
CA ALA A 31 -0.99 17.11 -16.65
C ALA A 31 -1.81 16.38 -15.58
N LYS A 32 -1.34 15.19 -15.18
CA LYS A 32 -1.99 14.44 -14.12
C LYS A 32 -1.01 14.19 -12.99
N GLU A 33 -1.51 14.27 -11.76
CA GLU A 33 -0.70 14.12 -10.57
C GLU A 33 -0.59 12.62 -10.29
N LEU A 34 0.61 12.11 -10.10
CA LEU A 34 0.79 10.66 -9.95
C LEU A 34 1.00 10.20 -8.52
N VAL A 35 1.22 11.14 -7.62
CA VAL A 35 1.45 10.87 -6.21
C VAL A 35 0.18 11.22 -5.45
N GLU A 36 -0.45 10.20 -4.86
CA GLU A 36 -1.61 10.39 -3.99
C GLU A 36 -1.20 11.00 -2.65
N THR A 37 -1.82 12.11 -2.29
CA THR A 37 -1.46 12.75 -1.03
C THR A 37 -2.56 12.76 -0.02
N LYS A 38 -3.74 12.34 -0.39
CA LYS A 38 -4.87 12.38 0.53
C LYS A 38 -5.32 10.97 0.95
N HIS A 39 -5.85 10.90 2.16
CA HIS A 39 -6.42 9.69 2.74
C HIS A 39 -7.77 10.05 3.38
N THR A 40 -8.53 9.05 3.82
CA THR A 40 -9.89 9.28 4.35
C THR A 40 -10.02 9.72 5.81
N ASP A 41 -9.03 9.46 6.65
CA ASP A 41 -9.12 9.80 8.09
C ASP A 41 -10.06 8.87 8.89
N GLU A 42 -10.61 7.84 8.24
CA GLU A 42 -11.23 6.72 8.93
C GLU A 42 -10.72 5.48 8.18
N LEU A 43 -10.67 4.35 8.86
CA LEU A 43 -10.36 3.08 8.23
C LEU A 43 -11.64 2.49 7.64
N CYS A 44 -11.61 2.19 6.34
CA CYS A 44 -12.74 1.58 5.68
C CYS A 44 -12.86 0.09 5.99
N PRO A 45 -14.03 -0.35 6.50
CA PRO A 45 -14.29 -1.75 6.83
C PRO A 45 -14.55 -2.66 5.65
N SER A 46 -14.47 -2.15 4.42
CA SER A 46 -14.60 -3.02 3.25
C SER A 46 -13.74 -2.54 2.09
N PRO A 47 -13.24 -3.48 1.27
CA PRO A 47 -13.58 -4.90 1.26
C PRO A 47 -12.79 -5.76 2.25
N LEU A 48 -11.93 -5.15 3.07
CA LEU A 48 -11.12 -5.96 3.99
C LEU A 48 -11.79 -6.15 5.35
N LYS A 49 -11.81 -7.38 5.83
CA LYS A 49 -12.41 -7.72 7.12
C LYS A 49 -11.51 -7.19 8.27
N LEU A 50 -12.04 -6.22 9.01
CA LEU A 50 -11.31 -5.61 10.11
C LEU A 50 -11.82 -6.13 11.45
N VAL A 51 -10.93 -6.18 12.44
CA VAL A 51 -11.35 -6.49 13.79
C VAL A 51 -10.67 -5.48 14.68
N ASP A 52 -11.44 -4.74 15.45
CA ASP A 52 -10.85 -3.71 16.30
C ASP A 52 -10.55 -4.22 17.71
N GLY A 53 -9.27 -4.29 18.07
CA GLY A 53 -8.84 -4.75 19.40
C GLY A 53 -9.29 -3.82 20.51
N GLN A 54 -9.56 -2.57 20.17
CA GLN A 54 -10.03 -1.57 21.12
C GLN A 54 -9.00 -1.60 22.22
N ASP A 55 -9.40 -2.00 23.42
CA ASP A 55 -8.46 -2.00 24.52
C ASP A 55 -7.57 -3.24 24.75
N CYS A 56 -7.69 -4.27 23.91
CA CYS A 56 -6.72 -5.38 23.89
C CYS A 56 -5.81 -5.35 22.68
N ASP A 57 -4.51 -5.49 22.92
CA ASP A 57 -3.65 -5.83 21.80
C ASP A 57 -3.86 -7.32 21.42
N LEU A 58 -3.23 -7.77 20.34
CA LEU A 58 -3.50 -9.10 19.82
C LEU A 58 -3.14 -10.22 20.80
N ILE A 59 -2.03 -10.06 21.51
CA ILE A 59 -1.59 -11.11 22.43
C ILE A 59 -2.47 -11.22 23.68
N ASN A 60 -2.82 -10.11 24.32
CA ASN A 60 -3.78 -10.13 25.41
C ASN A 60 -5.07 -10.77 24.92
N GLY A 61 -5.38 -10.52 23.65
CA GLY A 61 -6.56 -11.13 23.03
C GLY A 61 -6.38 -12.63 22.96
N ALA A 62 -5.21 -13.08 22.51
CA ALA A 62 -4.93 -14.52 22.39
C ALA A 62 -4.88 -15.21 23.74
N LEU A 63 -4.33 -14.53 24.74
CA LEU A 63 -4.26 -15.13 26.08
C LEU A 63 -5.62 -15.14 26.82
N GLY A 64 -6.55 -14.28 26.45
CA GLY A 64 -7.84 -14.21 27.12
C GLY A 64 -7.81 -13.32 28.35
N SER A 65 -7.25 -12.12 28.22
CA SER A 65 -7.19 -11.19 29.34
C SER A 65 -8.53 -10.50 29.53
N PRO A 66 -8.81 -10.02 30.71
CA PRO A 66 -10.12 -9.47 30.98
C PRO A 66 -10.72 -8.50 29.95
N GLY A 67 -10.08 -7.46 29.54
CA GLY A 67 -10.79 -6.64 28.51
C GLY A 67 -11.11 -7.33 27.17
N CYS A 68 -10.65 -8.58 26.97
CA CYS A 68 -10.57 -9.17 25.63
C CYS A 68 -11.70 -10.10 25.16
N ASP A 69 -12.69 -10.36 26.01
CA ASP A 69 -13.68 -11.43 25.72
C ASP A 69 -14.42 -11.31 24.40
N ARG A 70 -14.75 -10.07 24.00
CA ARG A 70 -15.38 -9.76 22.72
C ARG A 70 -14.52 -10.17 21.51
N LEU A 71 -13.24 -10.44 21.68
CA LEU A 71 -12.39 -10.89 20.57
C LEU A 71 -12.36 -12.40 20.34
N GLN A 72 -13.18 -13.13 21.08
CA GLN A 72 -13.23 -14.59 20.96
C GLN A 72 -13.88 -14.96 19.65
N ASP A 73 -13.26 -15.91 18.94
CA ASP A 73 -13.78 -16.43 17.66
C ASP A 73 -13.71 -15.44 16.53
N THR A 74 -13.05 -14.33 16.79
CA THR A 74 -12.88 -13.32 15.78
C THR A 74 -11.92 -13.72 14.72
N THR A 75 -12.26 -13.30 13.55
CA THR A 75 -11.39 -13.54 12.39
C THR A 75 -11.23 -12.26 11.56
N TRP A 76 -10.08 -12.10 10.89
CA TRP A 76 -9.76 -10.83 10.22
C TRP A 76 -8.85 -10.96 9.03
N ASP A 77 -8.92 -9.98 8.13
CA ASP A 77 -7.83 -9.70 7.18
C ASP A 77 -6.81 -8.81 7.88
N VAL A 78 -7.30 -7.83 8.62
CA VAL A 78 -6.46 -6.92 9.36
C VAL A 78 -7.01 -6.72 10.76
N PHE A 79 -6.18 -7.07 11.74
CA PHE A 79 -6.44 -6.78 13.13
C PHE A 79 -5.88 -5.38 13.46
N ILE A 80 -6.67 -4.57 14.13
CA ILE A 80 -6.25 -3.23 14.48
C ILE A 80 -5.86 -3.12 15.96
N GLU A 81 -4.59 -2.83 16.23
CA GLU A 81 -4.20 -2.61 17.60
C GLU A 81 -4.24 -1.11 17.88
N ARG A 82 -4.72 -0.76 19.07
CA ARG A 82 -4.94 0.62 19.46
C ARG A 82 -3.89 1.08 20.43
N PRO A 83 -3.48 2.36 20.35
CA PRO A 83 -2.42 2.82 21.27
C PRO A 83 -2.93 2.97 22.70
N THR A 84 -4.24 2.80 22.87
CA THR A 84 -4.95 2.84 24.16
C THR A 84 -5.08 1.44 24.81
N ALA A 85 -4.63 0.41 24.11
CA ALA A 85 -4.66 -0.93 24.67
C ALA A 85 -3.93 -1.01 26.01
N VAL A 86 -4.48 -1.71 26.99
CA VAL A 86 -3.81 -1.87 28.27
C VAL A 86 -3.78 -3.30 28.82
N ASP A 87 -2.75 -3.64 29.56
CA ASP A 87 -2.71 -4.90 30.27
C ASP A 87 -3.72 -4.86 31.41
N THR A 88 -4.47 -5.94 31.60
CA THR A 88 -5.50 -6.00 32.64
C THR A 88 -5.33 -7.21 33.54
N CYS A 89 -4.30 -8.01 33.29
CA CYS A 89 -4.16 -9.30 33.95
C CYS A 89 -2.79 -9.43 34.61
N TYR A 90 -2.50 -10.62 35.14
CA TYR A 90 -1.23 -10.87 35.83
C TYR A 90 -0.04 -10.44 34.95
N PRO A 91 0.94 -9.73 35.53
CA PRO A 91 1.98 -9.19 34.64
C PRO A 91 2.74 -10.31 33.93
N PHE A 92 2.96 -10.18 32.63
CA PHE A 92 3.66 -11.19 31.88
C PHE A 92 4.66 -10.61 30.89
N ASP A 93 5.55 -11.45 30.40
CA ASP A 93 6.44 -11.09 29.30
C ASP A 93 6.49 -12.26 28.32
N VAL A 94 6.80 -11.97 27.06
CA VAL A 94 6.88 -13.00 26.04
C VAL A 94 8.26 -12.97 25.37
N PRO A 95 9.15 -13.92 25.71
CA PRO A 95 10.33 -14.04 24.86
C PRO A 95 9.96 -14.06 23.37
N ASP A 96 10.69 -13.31 22.56
CA ASP A 96 10.36 -13.08 21.15
C ASP A 96 8.86 -12.79 20.92
N TYR A 97 8.39 -11.82 21.70
CA TYR A 97 7.03 -11.30 21.66
C TYR A 97 6.55 -10.98 20.24
N GLN A 98 7.42 -10.30 19.49
CA GLN A 98 7.15 -9.85 18.13
C GLN A 98 6.77 -11.03 17.23
N SER A 99 7.53 -12.11 17.32
CA SER A 99 7.24 -13.29 16.50
C SER A 99 5.91 -13.96 16.83
N LEU A 100 5.50 -13.91 18.10
CA LEU A 100 4.20 -14.44 18.47
C LEU A 100 3.12 -13.54 17.90
N ARG A 101 3.28 -12.21 18.05
CA ARG A 101 2.36 -11.26 17.44
C ARG A 101 2.28 -11.51 15.94
N SER A 102 3.42 -11.68 15.30
CA SER A 102 3.44 -11.88 13.86
C SER A 102 2.69 -13.14 13.45
N ILE A 103 2.92 -14.22 14.22
CA ILE A 103 2.33 -15.51 13.91
C ILE A 103 0.82 -15.46 14.09
N LEU A 104 0.36 -14.88 15.21
CA LEU A 104 -1.07 -14.63 15.42
C LEU A 104 -1.69 -13.76 14.32
N ALA A 105 -1.13 -12.58 14.09
CA ALA A 105 -1.65 -11.64 13.11
C ALA A 105 -1.91 -12.36 11.82
N SER A 106 -0.90 -13.14 11.43
CA SER A 106 -0.87 -13.86 10.17
C SER A 106 -1.90 -14.98 10.03
N SER A 107 -2.19 -15.71 11.10
CA SER A 107 -3.18 -16.78 11.05
C SER A 107 -4.59 -16.22 10.91
N GLY A 108 -4.82 -15.01 11.43
CA GLY A 108 -6.03 -14.25 11.06
C GLY A 108 -7.25 -14.64 11.87
N SER A 109 -7.04 -15.28 13.03
CA SER A 109 -8.12 -15.90 13.78
C SER A 109 -7.84 -15.96 15.25
N LEU A 110 -8.86 -15.69 16.04
CA LEU A 110 -8.78 -15.88 17.48
C LEU A 110 -9.76 -16.95 17.94
N GLU A 111 -10.15 -17.83 17.03
CA GLU A 111 -11.04 -18.91 17.42
C GLU A 111 -10.25 -20.06 18.05
N PHE A 112 -10.45 -20.21 19.35
CA PHE A 112 -9.74 -21.17 20.18
C PHE A 112 -10.35 -22.54 20.04
N ILE A 113 -9.53 -23.55 19.79
CA ILE A 113 -10.00 -24.94 19.83
C ILE A 113 -9.77 -25.47 21.24
N ALA A 114 -10.83 -25.48 22.04
CA ALA A 114 -10.76 -25.86 23.46
C ALA A 114 -10.47 -27.36 23.62
N GLU A 115 -9.73 -27.74 24.65
CA GLU A 115 -9.39 -29.13 24.83
C GLU A 115 -9.56 -29.54 26.28
N GLN A 116 -10.11 -30.73 26.49
CA GLN A 116 -10.10 -31.35 27.82
C GLN A 116 -8.71 -31.85 28.14
N PHE A 117 -8.16 -31.42 29.28
CA PHE A 117 -6.89 -31.96 29.79
C PHE A 117 -7.10 -32.58 31.17
N THR A 118 -6.32 -33.61 31.50
CA THR A 118 -6.34 -34.10 32.89
C THR A 118 -5.03 -33.79 33.58
N TRP A 119 -5.05 -32.77 34.43
CA TRP A 119 -3.86 -32.38 35.19
C TRP A 119 -3.90 -33.12 36.51
N ASN A 120 -3.03 -34.10 36.67
CA ASN A 120 -3.16 -34.96 37.80
C ASN A 120 -2.29 -34.53 38.94
N GLY A 121 -2.93 -34.27 40.06
CA GLY A 121 -2.20 -34.03 41.26
C GLY A 121 -2.01 -32.59 41.55
N VAL A 122 -2.88 -31.76 41.05
CA VAL A 122 -2.73 -30.35 41.29
C VAL A 122 -4.07 -29.72 41.41
N LYS A 123 -4.13 -28.58 42.05
CA LYS A 123 -5.32 -27.73 41.98
C LYS A 123 -5.31 -27.03 40.63
N VAL A 124 -6.49 -26.73 40.14
CA VAL A 124 -6.62 -26.11 38.84
C VAL A 124 -7.42 -24.83 38.92
N ASP A 125 -7.48 -24.12 37.81
CA ASP A 125 -8.16 -22.83 37.72
C ASP A 125 -7.73 -21.83 38.78
N GLY A 126 -6.42 -21.62 38.91
CA GLY A 126 -5.92 -20.60 39.81
C GLY A 126 -6.37 -19.22 39.36
N SER A 127 -6.61 -18.32 40.31
CA SER A 127 -7.08 -16.98 40.01
C SER A 127 -6.18 -15.96 40.68
N SER A 128 -6.32 -14.68 40.31
CA SER A 128 -5.43 -13.63 40.82
C SER A 128 -6.13 -12.30 40.94
N SER A 129 -5.72 -11.52 41.95
CA SER A 129 -6.26 -10.17 42.16
C SER A 129 -5.60 -9.14 41.25
N ALA A 130 -4.57 -9.58 40.51
CA ALA A 130 -3.97 -8.78 39.45
C ALA A 130 -4.72 -8.95 38.11
N CYS A 131 -5.71 -9.85 38.08
CA CYS A 131 -6.48 -10.15 36.88
C CYS A 131 -7.92 -10.18 37.40
N LEU A 132 -8.59 -9.05 37.33
CA LEU A 132 -9.97 -8.92 37.80
C LEU A 132 -10.88 -8.99 36.59
N ARG A 133 -11.96 -9.74 36.72
CA ARG A 133 -13.03 -9.79 35.74
C ARG A 133 -14.33 -9.59 36.54
N GLY A 134 -15.06 -8.53 36.23
CA GLY A 134 -16.26 -8.17 36.99
C GLY A 134 -16.01 -7.92 38.46
N GLY A 135 -14.83 -7.40 38.78
CA GLY A 135 -14.44 -7.16 40.16
C GLY A 135 -13.92 -8.38 40.93
N ARG A 136 -13.97 -9.55 40.33
CA ARG A 136 -13.55 -10.78 40.99
C ARG A 136 -12.23 -11.30 40.49
N ASN A 137 -11.43 -11.91 41.34
CA ASN A 137 -10.19 -12.54 40.91
C ASN A 137 -10.41 -13.47 39.73
N SER A 138 -9.50 -13.43 38.76
CA SER A 138 -9.65 -14.23 37.55
C SER A 138 -8.28 -14.38 36.90
N PHE A 139 -8.26 -15.01 35.71
CA PHE A 139 -7.01 -15.26 34.99
C PHE A 139 -7.23 -15.23 33.51
N PHE A 140 -6.16 -15.38 32.73
CA PHE A 140 -6.27 -15.49 31.28
C PHE A 140 -7.23 -16.62 30.98
N SER A 141 -8.30 -16.30 30.27
CA SER A 141 -9.32 -17.29 29.94
C SER A 141 -8.78 -18.48 29.16
N ARG A 142 -7.62 -18.36 28.51
CA ARG A 142 -7.06 -19.46 27.71
C ARG A 142 -5.98 -20.26 28.44
N LEU A 143 -5.67 -19.85 29.66
CA LEU A 143 -4.63 -20.50 30.46
C LEU A 143 -5.16 -21.03 31.78
N ASN A 144 -4.44 -22.01 32.33
CA ASN A 144 -4.88 -22.75 33.50
C ASN A 144 -3.80 -22.70 34.60
N TRP A 145 -4.04 -21.91 35.64
CA TRP A 145 -3.05 -21.78 36.72
C TRP A 145 -3.12 -22.93 37.72
N LEU A 146 -2.19 -23.86 37.61
CA LEU A 146 -2.15 -24.99 38.49
C LEU A 146 -1.33 -24.74 39.72
N THR A 147 -1.78 -25.22 40.87
CA THR A 147 -0.94 -25.19 42.08
C THR A 147 -0.96 -26.56 42.75
N LYS A 148 -0.28 -26.71 43.89
CA LYS A 148 -0.30 -27.98 44.63
C LYS A 148 -1.69 -28.32 45.22
N ALA A 149 -1.95 -29.63 45.30
CA ALA A 149 -3.24 -30.18 45.70
C ALA A 149 -3.56 -29.94 47.19
N THR A 150 -4.89 -30.02 47.51
CA THR A 150 -5.24 -29.68 48.91
C THR A 150 -4.34 -30.45 49.78
N ASN A 151 -3.73 -31.52 49.74
CA ASN A 151 -3.34 -32.63 50.76
C ASN A 151 -1.89 -32.41 50.55
N GLY A 152 -1.29 -32.15 49.43
CA GLY A 152 0.21 -31.76 49.33
C GLY A 152 0.65 -31.94 47.87
N ASN A 153 1.42 -32.58 47.60
CA ASN A 153 2.35 -32.48 46.47
C ASN A 153 1.68 -32.01 45.15
N TYR A 154 2.55 -31.61 44.24
CA TYR A 154 2.30 -31.22 42.87
C TYR A 154 2.65 -32.47 42.13
N GLY A 155 1.68 -33.38 42.05
CA GLY A 155 1.89 -34.69 41.46
C GLY A 155 2.49 -34.46 40.10
N PRO A 156 3.55 -35.18 39.76
CA PRO A 156 4.28 -34.74 38.57
C PRO A 156 3.40 -34.65 37.33
N ILE A 157 3.51 -33.57 36.57
CA ILE A 157 2.66 -33.41 35.42
C ILE A 157 3.31 -33.94 34.16
N ASN A 158 2.56 -34.74 33.43
CA ASN A 158 3.04 -35.35 32.23
C ASN A 158 1.81 -35.71 31.41
N VAL A 159 1.44 -34.82 30.52
CA VAL A 159 0.26 -34.94 29.72
C VAL A 159 0.60 -34.77 28.26
N THR A 160 -0.06 -35.49 27.38
CA THR A 160 0.32 -35.48 26.00
C THR A 160 -0.92 -35.31 25.13
N LYS A 161 -0.77 -34.54 24.06
CA LYS A 161 -1.84 -34.44 23.07
C LYS A 161 -1.26 -34.78 21.72
N GLU A 162 -1.98 -35.63 21.00
CA GLU A 162 -1.54 -35.98 19.68
C GLU A 162 -2.26 -35.10 18.67
N ASN A 163 -1.53 -34.54 17.72
CA ASN A 163 -2.19 -33.85 16.61
C ASN A 163 -2.80 -34.82 15.58
N THR A 164 -4.07 -35.15 15.85
CA THR A 164 -4.94 -36.03 15.05
C THR A 164 -5.48 -35.32 13.80
N GLY A 165 -5.39 -34.00 13.78
CA GLY A 165 -6.04 -33.24 12.73
C GLY A 165 -5.13 -33.03 11.54
N SER A 166 -5.59 -32.16 10.65
CA SER A 166 -4.90 -31.87 9.41
C SER A 166 -4.35 -30.45 9.38
N TYR A 167 -4.36 -29.75 10.52
CA TYR A 167 -3.80 -28.41 10.55
C TYR A 167 -2.75 -28.33 11.65
N VAL A 168 -1.82 -27.39 11.51
CA VAL A 168 -0.78 -27.14 12.52
C VAL A 168 -1.44 -26.42 13.69
N ARG A 169 -1.18 -26.92 14.89
CA ARG A 169 -1.72 -26.35 16.12
C ARG A 169 -0.70 -25.41 16.74
N LEU A 170 -1.17 -24.34 17.34
CA LEU A 170 -0.33 -23.45 18.13
C LEU A 170 -0.82 -23.48 19.55
N TYR A 171 0.06 -23.89 20.48
CA TYR A 171 -0.23 -23.99 21.90
C TYR A 171 0.43 -22.88 22.68
N LEU A 172 -0.37 -22.15 23.46
CA LEU A 172 0.12 -21.05 24.30
C LEU A 172 0.17 -21.47 25.76
N TRP A 173 1.33 -21.33 26.39
CA TRP A 173 1.51 -21.82 27.74
C TRP A 173 2.53 -20.94 28.45
N GLY A 174 2.71 -21.12 29.75
CA GLY A 174 3.54 -20.21 30.50
C GLY A 174 4.30 -20.84 31.64
N VAL A 175 5.18 -20.06 32.26
CA VAL A 175 5.95 -20.48 33.44
C VAL A 175 5.79 -19.37 34.47
N HIS A 176 5.49 -19.72 35.71
CA HIS A 176 5.40 -18.73 36.76
C HIS A 176 6.72 -18.55 37.50
N HIS A 177 7.27 -17.34 37.42
CA HIS A 177 8.44 -16.94 38.21
C HIS A 177 7.93 -16.19 39.46
N PRO A 178 8.06 -16.81 40.62
CA PRO A 178 7.54 -16.30 41.89
C PRO A 178 8.45 -15.27 42.55
N SER A 179 7.91 -14.46 43.42
CA SER A 179 8.71 -13.40 44.04
C SER A 179 9.56 -13.84 45.24
N SER A 180 9.23 -14.98 45.86
CA SER A 180 9.97 -15.48 47.04
C SER A 180 9.95 -17.00 47.12
N ASP A 181 10.79 -17.53 48.00
CA ASP A 181 10.81 -18.96 48.27
C ASP A 181 9.57 -19.40 49.05
N ASN A 182 9.10 -18.55 49.96
CA ASN A 182 7.81 -18.77 50.64
C ASN A 182 6.74 -19.12 49.60
N GLU A 183 6.60 -18.24 48.62
CA GLU A 183 5.58 -18.35 47.57
C GLU A 183 5.82 -19.56 46.68
N GLN A 184 7.08 -19.81 46.32
CA GLN A 184 7.40 -21.00 45.54
C GLN A 184 6.82 -22.25 46.22
N THR A 185 7.27 -22.54 47.45
CA THR A 185 6.85 -23.72 48.18
C THR A 185 5.36 -23.71 48.47
N ASP A 186 4.82 -22.54 48.78
CA ASP A 186 3.40 -22.38 49.08
C ASP A 186 2.53 -22.85 47.94
N LEU A 187 3.03 -22.62 46.72
CA LEU A 187 2.28 -22.89 45.49
C LEU A 187 2.61 -24.25 44.87
N TYR A 188 3.89 -24.62 44.87
CA TYR A 188 4.33 -25.82 44.13
C TYR A 188 5.09 -26.87 44.95
N LYS A 189 5.10 -26.73 46.28
CA LYS A 189 5.82 -27.61 47.21
C LYS A 189 7.32 -27.65 46.95
N VAL A 190 7.69 -28.07 45.74
CA VAL A 190 9.06 -28.18 45.28
C VAL A 190 9.78 -26.84 45.42
N ALA A 191 11.04 -26.87 45.83
CA ALA A 191 11.83 -25.65 46.04
C ALA A 191 12.18 -24.94 44.73
N THR A 192 12.29 -25.73 43.66
CA THR A 192 12.69 -25.26 42.34
C THR A 192 11.88 -26.00 41.28
N GLY A 193 11.10 -25.27 40.49
CA GLY A 193 10.22 -25.89 39.50
C GLY A 193 10.91 -26.22 38.20
N ARG A 194 10.14 -26.69 37.23
CA ARG A 194 10.65 -27.00 35.90
C ARG A 194 9.47 -27.22 34.97
N VAL A 195 9.53 -26.62 33.79
CA VAL A 195 8.51 -26.83 32.77
C VAL A 195 9.18 -27.22 31.47
N THR A 196 8.84 -28.39 30.95
CA THR A 196 9.40 -28.87 29.68
C THR A 196 8.29 -29.22 28.68
N VAL A 197 8.26 -28.51 27.57
CA VAL A 197 7.24 -28.73 26.57
C VAL A 197 7.93 -29.15 25.28
N SER A 198 7.49 -30.25 24.68
CA SER A 198 8.23 -30.80 23.54
C SER A 198 7.40 -31.58 22.55
N THR A 199 7.90 -31.62 21.32
CA THR A 199 7.33 -32.45 20.28
C THR A 199 8.41 -33.44 19.83
N ARG A 200 8.13 -34.23 18.80
CA ARG A 200 9.15 -35.09 18.19
C ARG A 200 10.37 -34.35 17.67
N SER A 201 10.22 -33.08 17.33
CA SER A 201 11.26 -32.37 16.60
C SER A 201 11.75 -31.08 17.26
N ASP A 202 11.00 -30.54 18.22
CA ASP A 202 11.44 -29.37 18.95
C ASP A 202 11.10 -29.44 20.44
N GLN A 203 11.71 -28.56 21.23
CA GLN A 203 11.63 -28.68 22.68
C GLN A 203 12.10 -27.41 23.38
N ILE A 204 11.46 -27.08 24.50
CA ILE A 204 11.85 -25.94 25.35
C ILE A 204 11.80 -26.40 26.81
N SER A 205 12.82 -26.04 27.58
CA SER A 205 12.76 -26.31 29.01
C SER A 205 13.19 -25.11 29.83
N ILE A 206 12.35 -24.73 30.80
CA ILE A 206 12.56 -23.52 31.56
C ILE A 206 12.59 -23.82 33.05
N VAL A 207 13.64 -23.38 33.72
CA VAL A 207 13.67 -23.41 35.16
C VAL A 207 13.24 -22.02 35.66
N PRO A 208 12.19 -21.94 36.49
CA PRO A 208 11.73 -20.60 36.87
C PRO A 208 12.72 -19.94 37.84
N ASN A 209 12.78 -18.61 37.79
CA ASN A 209 13.70 -17.85 38.60
C ASN A 209 12.97 -16.96 39.57
N ILE A 210 13.33 -17.03 40.84
CA ILE A 210 12.64 -16.27 41.87
C ILE A 210 13.25 -14.90 42.08
N GLY A 211 12.55 -14.03 42.81
CA GLY A 211 13.07 -12.70 43.05
C GLY A 211 11.99 -11.65 42.93
N SER A 212 12.27 -10.47 43.47
CA SER A 212 11.33 -9.35 43.42
C SER A 212 11.46 -8.53 42.14
N ARG A 213 10.33 -8.31 41.48
CA ARG A 213 10.25 -7.50 40.26
C ARG A 213 9.33 -6.33 40.59
N PRO A 214 9.48 -5.16 39.93
CA PRO A 214 8.53 -4.11 40.30
C PRO A 214 7.06 -4.60 40.30
N ARG A 215 6.30 -4.12 41.28
CA ARG A 215 4.90 -4.47 41.46
C ARG A 215 4.09 -3.96 40.29
N VAL A 216 3.32 -4.85 39.66
CA VAL A 216 2.26 -4.46 38.71
C VAL A 216 0.92 -5.00 39.22
N ARG A 217 -0.11 -4.16 39.26
CA ARG A 217 -1.41 -4.60 39.78
C ARG A 217 -1.15 -5.37 41.08
N ASN A 218 -0.30 -4.77 41.91
CA ASN A 218 0.14 -5.33 43.18
C ASN A 218 1.01 -6.60 43.14
N GLN A 219 1.47 -7.02 41.96
CA GLN A 219 2.15 -8.30 41.87
C GLN A 219 3.61 -8.21 41.43
N SER A 220 4.47 -8.92 42.15
CA SER A 220 5.91 -8.81 41.93
C SER A 220 6.46 -9.95 41.08
N GLY A 221 5.69 -11.02 40.98
CA GLY A 221 6.11 -12.20 40.22
C GLY A 221 5.74 -11.97 38.77
N ARG A 222 6.11 -12.91 37.91
CA ARG A 222 5.76 -12.81 36.49
C ARG A 222 5.39 -14.15 35.91
N ILE A 223 4.62 -14.12 34.85
CA ILE A 223 4.47 -15.28 33.98
C ILE A 223 5.20 -15.04 32.65
N SER A 224 6.02 -15.99 32.25
CA SER A 224 6.61 -15.97 30.93
C SER A 224 5.79 -16.83 30.00
N ILE A 225 5.39 -16.26 28.86
CA ILE A 225 4.57 -16.93 27.87
C ILE A 225 5.43 -17.57 26.79
N TYR A 226 5.19 -18.83 26.52
CA TYR A 226 5.87 -19.57 25.46
C TYR A 226 4.83 -20.16 24.56
N TRP A 227 5.28 -20.62 23.40
CA TRP A 227 4.41 -21.22 22.42
C TRP A 227 5.11 -22.39 21.70
N THR A 228 4.30 -23.38 21.31
CA THR A 228 4.82 -24.57 20.66
C THR A 228 3.88 -24.93 19.53
N LEU A 229 4.44 -25.13 18.34
CA LEU A 229 3.66 -25.59 17.19
C LEU A 229 3.70 -27.12 17.12
N VAL A 230 2.66 -27.71 16.55
CA VAL A 230 2.56 -29.14 16.49
C VAL A 230 1.98 -29.52 15.14
N ASN A 231 2.79 -30.16 14.30
CA ASN A 231 2.33 -30.58 12.96
C ASN A 231 1.33 -31.72 13.02
N PRO A 232 0.49 -31.89 11.97
CA PRO A 232 -0.28 -33.11 11.82
C PRO A 232 0.63 -34.31 12.02
N GLY A 233 0.23 -35.22 12.91
CA GLY A 233 0.96 -36.45 13.16
C GLY A 233 1.85 -36.42 14.40
N ASP A 234 2.32 -35.23 14.76
CA ASP A 234 3.26 -35.09 15.88
C ASP A 234 2.50 -35.08 17.21
N SER A 235 3.23 -35.08 18.32
CA SER A 235 2.61 -34.96 19.62
C SER A 235 3.30 -33.90 20.43
N ILE A 236 2.65 -33.41 21.48
CA ILE A 236 3.27 -32.46 22.40
C ILE A 236 3.14 -33.05 23.79
N ILE A 237 4.18 -32.90 24.61
CA ILE A 237 4.10 -33.30 26.02
C ILE A 237 4.37 -32.09 26.92
N PHE A 238 3.53 -31.98 27.94
CA PHE A 238 3.69 -30.98 28.96
C PHE A 238 4.18 -31.68 30.22
N ASN A 239 5.47 -31.53 30.49
CA ASN A 239 6.09 -32.18 31.62
C ASN A 239 6.54 -31.13 32.62
N SER A 240 5.99 -31.18 33.83
CA SER A 240 6.30 -30.19 34.85
C SER A 240 6.31 -30.74 36.29
N ILE A 241 7.33 -30.29 37.01
CA ILE A 241 7.61 -30.62 38.41
C ILE A 241 7.09 -29.47 39.26
N GLY A 242 6.72 -28.38 38.57
CA GLY A 242 6.16 -27.18 39.19
C GLY A 242 6.16 -26.00 38.24
N ASN A 243 5.28 -25.03 38.54
CA ASN A 243 5.25 -23.68 37.93
C ASN A 243 4.70 -23.59 36.51
N LEU A 244 4.02 -24.64 36.05
CA LEU A 244 3.46 -24.66 34.72
C LEU A 244 2.20 -23.83 34.72
N ILE A 245 2.12 -22.91 33.76
CA ILE A 245 0.86 -22.25 33.41
C ILE A 245 0.36 -23.00 32.20
N ALA A 246 -0.70 -23.79 32.41
CA ALA A 246 -1.12 -24.78 31.43
C ALA A 246 -2.06 -24.23 30.37
N PRO A 247 -2.05 -24.83 29.17
CA PRO A 247 -2.99 -24.41 28.14
C PRO A 247 -4.38 -25.00 28.39
N ARG A 248 -5.41 -24.37 27.79
CA ARG A 248 -6.76 -24.94 27.77
C ARG A 248 -7.11 -25.42 26.37
N GLY A 249 -6.13 -25.44 25.48
CA GLY A 249 -6.36 -25.87 24.11
C GLY A 249 -5.41 -25.13 23.20
N HIS A 250 -5.81 -24.93 21.96
CA HIS A 250 -4.87 -24.45 20.96
C HIS A 250 -5.54 -23.60 19.89
N TYR A 251 -4.72 -22.89 19.13
CA TYR A 251 -5.20 -22.09 18.00
C TYR A 251 -4.82 -22.82 16.72
N LYS A 252 -5.60 -22.60 15.67
CA LYS A 252 -5.30 -23.18 14.36
C LYS A 252 -4.46 -22.23 13.52
N ILE A 253 -3.38 -22.78 12.98
CA ILE A 253 -2.54 -22.01 12.05
C ILE A 253 -2.91 -22.31 10.60
N SER A 254 -3.50 -21.34 10.11
CA SER A 254 -3.67 -21.13 8.66
C SER A 254 -2.42 -20.30 8.29
N LYS A 255 -1.46 -20.91 7.64
CA LYS A 255 -0.20 -20.22 7.30
C LYS A 255 -0.23 -19.65 5.89
N SER A 256 0.49 -18.54 5.74
CA SER A 256 0.60 -17.87 4.46
C SER A 256 -0.70 -17.33 3.90
N THR A 257 -1.40 -16.63 4.80
CA THR A 257 -2.78 -16.21 4.60
C THR A 257 -2.70 -14.69 4.64
N LYS A 258 -3.42 -14.03 3.75
CA LYS A 258 -3.42 -12.57 3.69
C LYS A 258 -4.03 -11.95 4.95
N SER A 259 -3.29 -12.00 6.04
CA SER A 259 -3.75 -11.43 7.31
C SER A 259 -2.61 -10.68 7.99
N THR A 260 -2.95 -9.64 8.73
CA THR A 260 -1.96 -8.85 9.39
C THR A 260 -2.55 -7.99 10.50
N VAL A 261 -1.72 -7.20 11.16
CA VAL A 261 -2.11 -6.32 12.19
C VAL A 261 -1.64 -4.94 11.79
N LEU A 262 -2.45 -3.93 12.07
CA LEU A 262 -2.11 -2.53 11.82
C LEU A 262 -2.25 -1.75 13.12
N LYS A 263 -1.18 -1.08 13.52
CA LYS A 263 -1.20 -0.22 14.70
C LYS A 263 -1.75 1.12 14.25
N SER A 264 -3.01 1.40 14.55
CA SER A 264 -3.60 2.64 14.10
C SER A 264 -4.45 3.33 15.14
N ASP A 265 -4.76 4.57 14.84
CA ASP A 265 -5.37 5.48 15.76
C ASP A 265 -6.77 5.82 15.29
N LYS A 266 -6.98 5.66 13.99
CA LYS A 266 -8.16 6.17 13.35
C LYS A 266 -9.35 5.28 13.61
N ARG A 267 -10.54 5.88 13.69
CA ARG A 267 -11.74 5.10 13.93
C ARG A 267 -12.16 4.38 12.66
N ILE A 268 -12.89 3.29 12.82
CA ILE A 268 -13.39 2.53 11.69
C ILE A 268 -14.61 3.25 11.16
N GLY A 269 -14.58 3.55 9.87
CA GLY A 269 -15.66 4.31 9.27
C GLY A 269 -16.66 3.38 8.64
N SER A 270 -17.39 3.89 7.65
CA SER A 270 -18.30 3.11 6.83
C SER A 270 -18.00 3.27 5.34
N CYS A 271 -16.84 3.83 5.02
CA CYS A 271 -16.36 3.98 3.63
C CYS A 271 -15.90 2.64 3.02
N THR A 272 -15.59 2.66 1.72
CA THR A 272 -15.01 1.50 1.03
C THR A 272 -13.64 1.81 0.41
N SER A 273 -12.59 1.07 0.80
CA SER A 273 -11.27 1.23 0.21
C SER A 273 -10.43 -0.03 0.32
N PRO A 274 -9.73 -0.41 -0.78
CA PRO A 274 -8.86 -1.61 -0.72
C PRO A 274 -7.46 -1.35 -0.13
N CYS A 275 -7.25 -0.16 0.44
CA CYS A 275 -5.93 0.22 0.92
C CYS A 275 -5.93 0.92 2.27
N LEU A 276 -5.40 0.27 3.31
CA LEU A 276 -5.36 0.90 4.63
C LEU A 276 -3.96 1.33 5.01
N THR A 277 -3.87 2.52 5.60
CA THR A 277 -2.63 2.96 6.20
C THR A 277 -2.91 3.23 7.67
N ASP A 278 -1.86 3.37 8.45
CA ASP A 278 -2.01 3.76 9.85
C ASP A 278 -2.67 5.13 9.97
N LYS A 279 -2.60 5.93 8.90
CA LYS A 279 -3.14 7.30 8.88
C LYS A 279 -4.60 7.39 8.37
N GLY A 280 -5.13 6.32 7.80
CA GLY A 280 -6.46 6.35 7.16
C GLY A 280 -6.43 5.54 5.87
N SER A 281 -7.54 5.52 5.14
CA SER A 281 -7.63 4.74 3.91
C SER A 281 -7.32 5.58 2.67
N ILE A 282 -6.79 4.93 1.63
CA ILE A 282 -6.48 5.59 0.38
C ILE A 282 -7.48 5.13 -0.67
N GLN A 283 -8.10 6.07 -1.34
CA GLN A 283 -9.02 5.83 -2.41
C GLN A 283 -8.51 6.54 -3.65
N SER A 284 -7.85 5.84 -4.54
CA SER A 284 -7.06 6.48 -5.58
C SER A 284 -6.63 5.51 -6.66
N ASP A 285 -6.49 6.02 -7.89
CA ASP A 285 -5.92 5.28 -9.03
C ASP A 285 -4.46 5.64 -9.27
N LYS A 286 -3.95 6.60 -8.49
CA LYS A 286 -2.58 7.08 -8.66
C LYS A 286 -1.56 5.98 -8.41
N PRO A 287 -0.50 5.92 -9.23
CA PRO A 287 0.49 4.84 -9.06
C PRO A 287 1.29 4.96 -7.77
N PHE A 288 1.42 6.18 -7.25
CA PHE A 288 2.27 6.47 -6.10
C PHE A 288 1.50 7.17 -4.98
N GLN A 289 2.08 7.20 -3.79
CA GLN A 289 1.47 7.82 -2.64
C GLN A 289 2.54 8.16 -1.65
N ASN A 290 2.26 9.14 -0.79
CA ASN A 290 3.22 9.59 0.20
C ASN A 290 2.62 9.57 1.60
N VAL A 291 1.34 9.22 1.66
CA VAL A 291 0.63 9.14 2.93
C VAL A 291 1.41 8.39 4.01
N SER A 292 1.87 7.16 3.72
CA SER A 292 2.59 6.35 4.72
C SER A 292 3.28 5.14 4.09
N ARG A 293 4.45 4.76 4.63
CA ARG A 293 5.05 3.47 4.24
C ARG A 293 4.33 2.27 4.87
N ILE A 294 3.50 2.51 5.90
CA ILE A 294 2.58 1.47 6.36
C ILE A 294 1.33 1.46 5.47
N ALA A 295 1.31 0.54 4.51
CA ALA A 295 0.23 0.46 3.54
C ALA A 295 -0.13 -1.00 3.32
N ILE A 296 -1.41 -1.33 3.58
CA ILE A 296 -1.91 -2.72 3.52
C ILE A 296 -3.04 -2.83 2.50
N GLY A 297 -2.92 -3.80 1.59
CA GLY A 297 -3.93 -4.00 0.58
C GLY A 297 -3.46 -3.61 -0.79
N ASN A 298 -4.39 -3.21 -1.67
CA ASN A 298 -4.07 -2.76 -3.03
C ASN A 298 -3.86 -1.27 -3.00
N CYS A 299 -2.58 -0.88 -2.95
CA CYS A 299 -2.16 0.49 -2.62
C CYS A 299 -1.19 1.03 -3.63
N PRO A 300 -1.15 2.37 -3.77
CA PRO A 300 -0.07 2.98 -4.55
C PRO A 300 1.22 2.78 -3.80
N LYS A 301 2.34 2.69 -4.50
CA LYS A 301 3.63 2.48 -3.84
C LYS A 301 4.06 3.75 -3.10
N TYR A 302 4.60 3.58 -1.92
CA TYR A 302 5.01 4.71 -1.14
C TYR A 302 6.26 5.31 -1.77
N VAL A 303 6.25 6.62 -1.95
CA VAL A 303 7.42 7.36 -2.42
C VAL A 303 7.60 8.59 -1.55
N LYS A 304 8.79 9.19 -1.60
CA LYS A 304 9.12 10.37 -0.81
C LYS A 304 8.56 11.66 -1.40
N GLN A 305 8.43 11.72 -2.73
CA GLN A 305 8.04 12.96 -3.37
C GLN A 305 6.60 13.30 -3.01
N GLY A 306 6.31 14.58 -2.85
CA GLY A 306 4.93 14.98 -2.59
C GLY A 306 4.17 15.23 -3.88
N SER A 307 4.84 15.19 -5.01
CA SER A 307 4.19 15.48 -6.27
C SER A 307 5.04 15.02 -7.43
N LEU A 308 4.41 14.39 -8.41
CA LEU A 308 5.04 14.06 -9.69
C LEU A 308 4.00 14.24 -10.80
N MET A 309 4.15 15.31 -11.57
CA MET A 309 3.16 15.65 -12.59
C MET A 309 3.53 14.97 -13.89
N LEU A 310 2.64 14.13 -14.40
CA LEU A 310 2.84 13.55 -15.71
C LEU A 310 2.19 14.45 -16.75
N ALA A 311 2.94 14.88 -17.76
CA ALA A 311 2.36 15.68 -18.85
C ALA A 311 1.34 14.86 -19.60
N THR A 312 0.21 15.47 -19.93
CA THR A 312 -0.78 14.80 -20.77
C THR A 312 -1.20 15.66 -21.94
N GLY A 313 -0.36 16.62 -22.29
CA GLY A 313 -0.64 17.50 -23.42
C GLY A 313 0.65 18.11 -23.91
N MET A 314 0.57 18.90 -24.99
CA MET A 314 1.75 19.46 -25.65
C MET A 314 2.22 20.70 -24.86
N ARG A 315 3.38 21.25 -25.21
CA ARG A 315 3.83 22.56 -24.69
C ARG A 315 2.71 23.58 -24.79
N ASN A 316 2.51 24.36 -23.73
CA ASN A 316 1.51 25.41 -23.77
C ASN A 316 2.17 26.74 -24.15
N ILE A 317 1.90 27.24 -25.35
CA ILE A 317 2.47 28.53 -25.79
C ILE A 317 1.38 29.55 -26.17
N PRO A 318 0.81 30.23 -25.16
CA PRO A 318 -0.13 31.31 -25.47
C PRO A 318 0.70 32.55 -25.76
N GLY A 319 0.15 33.47 -26.54
CA GLY A 319 0.93 34.67 -26.90
C GLY A 319 2.29 34.40 -27.55
N GLY B 1 11.40 20.91 -28.18
CA GLY B 1 11.01 19.58 -28.73
C GLY B 1 11.91 19.19 -29.89
N LEU B 2 12.09 17.88 -30.09
CA LEU B 2 12.96 17.35 -31.15
C LEU B 2 12.62 17.84 -32.55
N PHE B 3 11.42 18.29 -32.78
CA PHE B 3 11.06 18.68 -34.10
C PHE B 3 11.07 20.17 -34.35
N GLY B 4 11.01 21.00 -33.33
CA GLY B 4 11.08 22.45 -33.54
C GLY B 4 9.85 23.02 -34.24
N ALA B 5 8.73 22.31 -34.17
CA ALA B 5 7.46 22.81 -34.69
C ALA B 5 6.59 23.49 -33.64
N ILE B 6 6.27 22.79 -32.54
CA ILE B 6 5.68 23.39 -31.34
C ILE B 6 6.81 24.11 -30.59
N ALA B 7 6.53 25.31 -30.08
CA ALA B 7 7.56 26.21 -29.50
C ALA B 7 8.75 26.39 -30.45
N GLY B 8 8.49 26.24 -31.75
CA GLY B 8 9.54 26.34 -32.77
C GLY B 8 9.00 27.17 -33.91
N PHE B 9 9.06 26.66 -35.15
CA PHE B 9 8.68 27.48 -36.30
C PHE B 9 7.18 27.81 -36.32
N ILE B 10 6.41 27.21 -35.40
CA ILE B 10 5.04 27.68 -35.10
C ILE B 10 5.24 28.62 -33.91
N GLU B 11 5.07 29.91 -34.15
CA GLU B 11 5.36 30.89 -33.11
C GLU B 11 4.60 30.60 -31.81
N ASN B 12 3.30 30.40 -31.91
CA ASN B 12 2.50 30.07 -30.72
C ASN B 12 1.28 29.23 -31.04
N GLY B 13 0.54 28.87 -30.00
CA GLY B 13 -0.68 28.10 -30.16
C GLY B 13 -1.89 29.02 -30.21
N TRP B 14 -3.01 28.46 -30.63
CA TRP B 14 -4.27 29.16 -30.75
C TRP B 14 -5.23 28.83 -29.57
N GLN B 15 -5.37 29.78 -28.65
CA GLN B 15 -6.32 29.69 -27.53
C GLN B 15 -7.79 29.48 -27.98
N GLY B 16 -8.09 29.85 -29.22
CA GLY B 16 -9.43 29.67 -29.78
C GLY B 16 -9.68 28.32 -30.44
N LEU B 17 -8.69 27.48 -30.51
CA LEU B 17 -8.91 26.16 -31.03
C LEU B 17 -9.39 25.31 -29.89
N ILE B 18 -10.69 25.25 -29.73
CA ILE B 18 -11.26 24.63 -28.54
C ILE B 18 -11.84 23.26 -28.79
N ASP B 19 -11.74 22.78 -30.03
CA ASP B 19 -12.32 21.48 -30.40
C ASP B 19 -11.36 20.54 -31.13
N GLY B 20 -10.07 20.72 -30.88
CA GLY B 20 -9.00 19.93 -31.48
C GLY B 20 -7.68 20.36 -30.83
N TRP B 21 -6.63 19.56 -31.08
CA TRP B 21 -5.28 19.88 -30.63
C TRP B 21 -4.50 20.55 -31.75
N TYR B 22 -4.89 20.25 -32.98
CA TYR B 22 -4.18 20.75 -34.14
C TYR B 22 -5.21 21.22 -35.14
N GLY B 23 -4.88 22.26 -35.90
CA GLY B 23 -5.84 22.71 -36.90
C GLY B 23 -5.30 23.56 -38.03
N PHE B 24 -6.24 23.95 -38.89
CA PHE B 24 -5.98 24.79 -40.05
C PHE B 24 -6.61 26.16 -39.82
N ARG B 25 -5.85 27.23 -40.07
CA ARG B 25 -6.41 28.57 -40.18
C ARG B 25 -6.06 29.09 -41.56
N HIS B 26 -7.07 29.47 -42.34
CA HIS B 26 -6.88 29.92 -43.73
C HIS B 26 -7.32 31.37 -43.99
N GLN B 27 -6.97 31.86 -45.18
CA GLN B 27 -7.39 33.18 -45.66
C GLN B 27 -7.62 33.08 -47.16
N ASN B 28 -8.81 33.41 -47.63
CA ASN B 28 -9.05 33.35 -49.06
C ASN B 28 -9.98 34.47 -49.49
N ALA B 29 -10.46 34.41 -50.72
CA ALA B 29 -11.32 35.45 -51.30
C ALA B 29 -12.64 35.63 -50.52
N GLU B 30 -13.02 34.61 -49.74
CA GLU B 30 -14.28 34.66 -49.00
C GLU B 30 -14.11 35.05 -47.53
N GLY B 31 -12.86 35.10 -47.07
CA GLY B 31 -12.59 35.43 -45.69
C GLY B 31 -11.60 34.50 -45.01
N THR B 32 -11.90 34.19 -43.75
CA THR B 32 -10.95 33.51 -42.90
C THR B 32 -11.72 32.52 -42.06
N GLY B 33 -11.03 31.50 -41.56
CA GLY B 33 -11.67 30.49 -40.71
C GLY B 33 -10.66 29.54 -40.09
N THR B 34 -11.06 28.92 -38.98
CA THR B 34 -10.29 27.91 -38.25
C THR B 34 -11.12 26.62 -38.13
N ALA B 35 -10.49 25.49 -38.40
CA ALA B 35 -11.08 24.17 -38.22
C ALA B 35 -10.05 23.21 -37.58
N ALA B 36 -10.54 22.19 -36.89
CA ALA B 36 -9.68 21.24 -36.19
C ALA B 36 -9.29 20.13 -37.16
N ASP B 37 -8.05 19.62 -37.04
CA ASP B 37 -7.65 18.42 -37.79
C ASP B 37 -7.86 17.22 -36.87
N LEU B 38 -8.72 16.31 -37.29
CA LEU B 38 -9.09 15.17 -36.47
C LEU B 38 -8.01 14.09 -36.38
N LYS B 39 -7.41 13.73 -37.52
CA LYS B 39 -6.38 12.65 -37.57
C LYS B 39 -5.23 12.96 -36.65
N SER B 40 -4.69 14.16 -36.75
CA SER B 40 -3.49 14.52 -35.98
C SER B 40 -3.80 14.65 -34.49
N THR B 41 -4.93 15.28 -34.16
CA THR B 41 -5.45 15.32 -32.77
C THR B 41 -5.67 13.91 -32.19
N GLN B 42 -6.30 13.06 -32.97
CA GLN B 42 -6.55 11.68 -32.53
C GLN B 42 -5.25 10.89 -32.33
N ALA B 43 -4.29 11.04 -33.23
CA ALA B 43 -3.01 10.32 -33.09
C ALA B 43 -2.26 10.71 -31.80
N ALA B 44 -2.30 11.99 -31.44
CA ALA B 44 -1.68 12.45 -30.21
C ALA B 44 -2.45 11.97 -28.98
N ILE B 45 -3.77 12.14 -28.97
CA ILE B 45 -4.60 11.72 -27.85
C ILE B 45 -4.45 10.21 -27.61
N ASP B 46 -4.50 9.42 -28.68
CA ASP B 46 -4.34 7.96 -28.55
C ASP B 46 -3.00 7.61 -27.88
N GLN B 47 -1.92 8.24 -28.30
CA GLN B 47 -0.62 7.91 -27.73
C GLN B 47 -0.54 8.29 -26.24
N ILE B 48 -1.07 9.47 -25.88
CA ILE B 48 -1.12 9.91 -24.48
C ILE B 48 -2.03 9.00 -23.68
N ASN B 49 -3.20 8.65 -24.23
CA ASN B 49 -4.07 7.74 -23.51
C ASN B 49 -3.43 6.38 -23.34
N GLY B 50 -2.86 5.87 -24.41
CA GLY B 50 -2.05 4.66 -24.34
C GLY B 50 -1.07 4.67 -23.18
N LYS B 51 -0.34 5.76 -22.99
CA LYS B 51 0.69 5.72 -21.97
C LYS B 51 0.13 5.89 -20.57
N LEU B 52 -1.08 6.38 -20.48
CA LEU B 52 -1.78 6.52 -19.22
C LEU B 52 -2.41 5.25 -18.74
N ASN B 53 -3.00 4.49 -19.63
CA ASN B 53 -3.55 3.19 -19.26
C ASN B 53 -2.46 2.23 -18.86
N ARG B 54 -1.34 2.40 -19.53
CA ARG B 54 -0.16 1.63 -19.28
C ARG B 54 0.32 1.83 -17.84
N LEU B 55 0.17 3.05 -17.33
CA LEU B 55 0.62 3.39 -15.98
C LEU B 55 -0.30 2.94 -14.86
N ILE B 56 -1.42 2.31 -15.24
CA ILE B 56 -2.38 1.79 -14.28
C ILE B 56 -2.25 0.28 -14.02
N GLU B 57 -1.81 -0.50 -15.01
CA GLU B 57 -1.78 -1.94 -14.82
C GLU B 57 -1.26 -2.08 -13.39
N LYS B 58 -2.19 -2.43 -12.51
CA LYS B 58 -2.02 -2.32 -11.07
C LYS B 58 -1.59 -3.64 -10.48
N THR B 59 -0.33 -3.69 -10.09
CA THR B 59 0.26 -4.90 -9.48
C THR B 59 0.92 -4.64 -8.12
N ASN B 60 0.36 -3.73 -7.32
CA ASN B 60 0.88 -3.56 -5.95
C ASN B 60 -0.10 -3.94 -4.84
N GLU B 61 -0.07 -5.21 -4.45
CA GLU B 61 -0.96 -5.70 -3.40
C GLU B 61 -0.27 -6.50 -2.29
N LYS B 62 -0.12 -5.87 -1.13
CA LYS B 62 0.67 -6.42 -0.01
C LYS B 62 -0.10 -6.44 1.33
N TYR B 63 -0.02 -7.58 2.01
CA TYR B 63 -0.67 -7.76 3.32
C TYR B 63 0.35 -7.84 4.44
N HIS B 64 0.54 -8.99 5.08
CA HIS B 64 1.59 -9.07 6.08
C HIS B 64 2.98 -8.77 5.48
N GLN B 65 3.67 -7.82 6.06
CA GLN B 65 4.91 -7.33 5.51
C GLN B 65 5.98 -7.40 6.59
N ILE B 66 6.48 -6.24 7.01
CA ILE B 66 7.29 -6.12 8.21
C ILE B 66 6.81 -4.89 8.96
N GLU B 67 7.12 -4.85 10.25
CA GLU B 67 6.95 -3.61 11.03
C GLU B 67 7.80 -2.49 10.46
N LYS B 68 7.25 -1.28 10.48
CA LYS B 68 7.97 -0.12 9.96
C LYS B 68 8.20 1.02 10.96
N GLU B 69 7.55 0.95 12.11
CA GLU B 69 7.86 1.85 13.26
C GLU B 69 8.09 1.04 14.52
N PHE B 70 8.83 1.63 15.45
CA PHE B 70 9.33 0.91 16.62
C PHE B 70 9.26 1.73 17.88
N GLU B 71 8.83 1.09 18.96
CA GLU B 71 8.66 1.74 20.28
C GLU B 71 9.92 1.79 21.14
N GLN B 72 10.97 1.07 20.78
CA GLN B 72 12.13 0.93 21.67
C GLN B 72 13.38 0.52 20.89
N VAL B 73 14.55 1.00 21.29
CA VAL B 73 15.77 0.56 20.62
C VAL B 73 16.00 -0.95 20.83
N GLU B 74 16.55 -1.60 19.80
CA GLU B 74 16.85 -3.01 19.86
C GLU B 74 18.22 -3.35 19.31
N GLY B 75 18.76 -2.50 18.43
CA GLY B 75 20.02 -2.81 17.78
C GLY B 75 19.85 -3.58 16.48
N ARG B 76 20.54 -4.73 16.40
CA ARG B 76 20.84 -5.40 15.13
C ARG B 76 19.65 -5.66 14.18
N ILE B 77 18.60 -6.35 14.65
CA ILE B 77 17.45 -6.69 13.79
C ILE B 77 16.72 -5.45 13.34
N GLN B 78 16.49 -4.51 14.25
CA GLN B 78 15.79 -3.28 13.94
C GLN B 78 16.55 -2.50 12.88
N ASP B 79 17.87 -2.36 13.04
CA ASP B 79 18.69 -1.69 12.04
C ASP B 79 18.39 -2.24 10.65
N LEU B 80 18.30 -3.57 10.57
CA LEU B 80 18.11 -4.25 9.29
C LEU B 80 16.70 -3.93 8.73
N GLU B 81 15.68 -4.08 9.57
CA GLU B 81 14.33 -3.81 9.15
C GLU B 81 14.18 -2.39 8.64
N LYS B 82 14.85 -1.43 9.25
CA LYS B 82 14.77 -0.04 8.80
C LYS B 82 15.58 0.17 7.52
N TYR B 83 16.77 -0.43 7.47
CA TYR B 83 17.63 -0.34 6.29
C TYR B 83 16.95 -0.95 5.07
N VAL B 84 16.36 -2.13 5.27
CA VAL B 84 15.55 -2.74 4.23
C VAL B 84 14.48 -1.78 3.71
N GLU B 85 13.69 -1.19 4.61
CA GLU B 85 12.57 -0.37 4.17
C GLU B 85 13.09 0.92 3.49
N ASP B 86 14.14 1.50 4.06
CA ASP B 86 14.68 2.76 3.56
C ASP B 86 15.29 2.56 2.18
N THR B 87 15.92 1.39 1.97
CA THR B 87 16.45 1.00 0.68
C THR B 87 15.31 0.85 -0.33
N LYS B 88 14.23 0.22 0.11
CA LYS B 88 13.11 0.06 -0.78
C LYS B 88 12.56 1.41 -1.19
N ILE B 89 12.37 2.32 -0.23
CA ILE B 89 11.69 3.58 -0.53
C ILE B 89 12.53 4.46 -1.47
N ASP B 90 13.84 4.45 -1.28
CA ASP B 90 14.74 5.21 -2.12
C ASP B 90 14.66 4.75 -3.58
N LEU B 91 14.59 3.44 -3.80
CA LEU B 91 14.64 2.88 -5.12
C LEU B 91 13.33 3.18 -5.88
N TRP B 92 12.20 3.05 -5.20
CA TRP B 92 10.91 3.44 -5.78
C TRP B 92 10.81 4.94 -6.01
N SER B 93 11.33 5.76 -5.09
CA SER B 93 11.30 7.21 -5.30
C SER B 93 12.08 7.53 -6.55
N TYR B 94 13.21 6.85 -6.73
CA TYR B 94 14.03 7.01 -7.93
C TYR B 94 13.29 6.56 -9.21
N ASN B 95 12.61 5.42 -9.15
CA ASN B 95 11.86 4.93 -10.30
C ASN B 95 10.79 5.94 -10.74
N ALA B 96 10.06 6.48 -9.78
CA ALA B 96 8.98 7.38 -10.10
C ALA B 96 9.51 8.70 -10.70
N GLU B 97 10.61 9.20 -10.15
CA GLU B 97 11.21 10.43 -10.65
C GLU B 97 11.64 10.25 -12.11
N LEU B 98 12.41 9.21 -12.39
CA LEU B 98 12.87 8.94 -13.74
C LEU B 98 11.72 8.63 -14.71
N LEU B 99 10.70 7.94 -14.23
CA LEU B 99 9.62 7.50 -15.10
C LEU B 99 8.89 8.71 -15.61
N VAL B 100 8.64 9.66 -14.71
CA VAL B 100 7.91 10.85 -15.07
C VAL B 100 8.73 11.74 -16.02
N ALA B 101 9.97 12.03 -15.65
CA ALA B 101 10.88 12.82 -16.46
C ALA B 101 10.96 12.30 -17.90
N LEU B 102 11.23 11.03 -18.05
CA LEU B 102 11.39 10.48 -19.35
C LEU B 102 10.10 10.33 -20.10
N GLU B 103 9.04 10.01 -19.41
CA GLU B 103 7.71 10.07 -19.99
C GLU B 103 7.37 11.48 -20.52
N ASN B 104 7.68 12.52 -19.73
CA ASN B 104 7.36 13.89 -20.13
C ASN B 104 8.23 14.34 -21.31
N GLN B 105 9.51 14.00 -21.27
CA GLN B 105 10.39 14.24 -22.40
C GLN B 105 9.73 13.68 -23.67
N HIS B 106 9.29 12.42 -23.59
CA HIS B 106 8.74 11.71 -24.72
C HIS B 106 7.41 12.31 -25.23
N THR B 107 6.48 12.56 -24.32
CA THR B 107 5.19 13.14 -24.66
C THR B 107 5.37 14.48 -25.39
N ILE B 108 6.21 15.32 -24.86
CA ILE B 108 6.46 16.59 -25.49
C ILE B 108 7.04 16.37 -26.90
N ASP B 109 7.94 15.40 -27.07
CA ASP B 109 8.44 15.11 -28.41
C ASP B 109 7.37 14.52 -29.30
N VAL B 110 6.50 13.69 -28.75
CA VAL B 110 5.43 13.11 -29.54
C VAL B 110 4.49 14.22 -30.07
N THR B 111 4.10 15.12 -29.18
CA THR B 111 3.16 16.16 -29.56
C THR B 111 3.78 17.05 -30.62
N ASP B 112 5.07 17.31 -30.51
CA ASP B 112 5.83 18.12 -31.44
C ASP B 112 5.91 17.39 -32.80
N SER B 113 6.17 16.08 -32.72
CA SER B 113 6.14 15.22 -33.89
C SER B 113 4.81 15.29 -34.64
N GLU B 114 3.71 15.18 -33.92
CA GLU B 114 2.41 15.11 -34.58
C GLU B 114 2.08 16.43 -35.29
N MET B 115 2.45 17.56 -34.66
CA MET B 115 2.38 18.88 -35.31
C MET B 115 3.12 18.86 -36.65
N ASN B 116 4.36 18.39 -36.60
CA ASN B 116 5.19 18.26 -37.79
C ASN B 116 4.65 17.34 -38.88
N LYS B 117 4.02 16.23 -38.49
CA LYS B 117 3.45 15.31 -39.46
C LYS B 117 2.29 15.97 -40.19
N LEU B 118 1.57 16.85 -39.50
CA LEU B 118 0.46 17.56 -40.10
C LEU B 118 1.00 18.53 -41.14
N PHE B 119 1.97 19.35 -40.71
CA PHE B 119 2.64 20.24 -41.62
C PHE B 119 3.10 19.47 -42.84
N GLU B 120 3.88 18.41 -42.62
CA GLU B 120 4.41 17.63 -43.75
C GLU B 120 3.30 17.10 -44.67
N ARG B 121 2.20 16.61 -44.10
CA ARG B 121 1.07 16.08 -44.87
C ARG B 121 0.58 17.13 -45.89
N VAL B 122 0.31 18.33 -45.39
CA VAL B 122 -0.21 19.40 -46.22
C VAL B 122 0.82 19.84 -47.26
N ARG B 123 2.09 19.90 -46.83
CA ARG B 123 3.18 20.22 -47.75
C ARG B 123 3.07 19.28 -48.95
N ARG B 124 2.72 18.02 -48.69
CA ARG B 124 2.75 17.03 -49.77
C ARG B 124 1.51 17.11 -50.66
N GLN B 125 0.39 17.51 -50.07
CA GLN B 125 -0.84 17.69 -50.83
C GLN B 125 -0.70 18.84 -51.84
N LEU B 126 0.02 19.89 -51.45
CA LEU B 126 0.07 21.11 -52.24
C LEU B 126 1.10 21.07 -53.37
N ARG B 127 2.10 20.19 -53.28
CA ARG B 127 3.10 20.03 -54.36
C ARG B 127 3.70 21.37 -54.75
N GLU B 128 3.72 21.68 -56.03
CA GLU B 128 4.31 22.93 -56.52
C GLU B 128 3.33 24.09 -56.49
N ASN B 129 2.17 23.91 -55.84
CA ASN B 129 1.13 24.93 -55.86
C ASN B 129 1.25 25.91 -54.70
N ALA B 130 2.15 25.62 -53.76
CA ALA B 130 2.29 26.43 -52.57
C ALA B 130 3.75 26.53 -52.15
N GLU B 131 4.08 27.56 -51.38
CA GLU B 131 5.41 27.70 -50.84
C GLU B 131 5.33 27.83 -49.32
N ASP B 132 6.30 27.22 -48.62
CA ASP B 132 6.37 27.29 -47.16
C ASP B 132 6.77 28.71 -46.74
N GLN B 133 5.98 29.32 -45.87
CA GLN B 133 6.25 30.71 -45.47
C GLN B 133 7.18 30.83 -44.28
N GLY B 134 7.43 29.74 -43.57
CA GLY B 134 8.40 29.76 -42.49
C GLY B 134 7.77 29.75 -41.11
N ASN B 135 6.44 29.88 -41.06
CA ASN B 135 5.73 30.05 -39.82
C ASN B 135 4.59 29.06 -39.68
N GLY B 136 4.68 27.93 -40.36
CA GLY B 136 3.57 26.98 -40.34
C GLY B 136 2.51 27.29 -41.37
N CYS B 137 2.73 28.33 -42.19
CA CYS B 137 1.79 28.69 -43.22
C CYS B 137 2.31 28.39 -44.61
N PHE B 138 1.39 28.01 -45.48
CA PHE B 138 1.65 27.89 -46.90
C PHE B 138 0.96 29.03 -47.65
N GLU B 139 1.70 29.68 -48.54
CA GLU B 139 1.10 30.61 -49.47
C GLU B 139 0.65 29.76 -50.64
N ILE B 140 -0.61 29.90 -51.02
CA ILE B 140 -1.18 29.09 -52.08
C ILE B 140 -1.23 30.01 -53.27
N PHE B 141 -0.69 29.58 -54.39
CA PHE B 141 -0.51 30.45 -55.53
C PHE B 141 -1.60 30.40 -56.56
N HIS B 142 -2.78 30.02 -56.14
CA HIS B 142 -4.00 30.12 -56.93
C HIS B 142 -5.23 30.48 -56.12
N GLN B 143 -6.31 30.91 -56.76
CA GLN B 143 -7.55 31.14 -56.01
C GLN B 143 -7.97 29.83 -55.38
N CYS B 144 -8.41 29.90 -54.14
CA CYS B 144 -8.81 28.72 -53.41
C CYS B 144 -10.03 29.05 -52.54
N ASP B 145 -11.21 28.83 -53.13
CA ASP B 145 -12.45 29.12 -52.43
C ASP B 145 -12.69 28.15 -51.29
N ASN B 146 -13.80 28.32 -50.57
CA ASN B 146 -14.05 27.54 -49.36
C ASN B 146 -14.02 26.05 -49.61
N ASN B 147 -14.61 25.62 -50.73
CA ASN B 147 -14.58 24.23 -51.15
C ASN B 147 -13.14 23.75 -51.38
N CYS B 148 -12.33 24.61 -51.96
CA CYS B 148 -10.97 24.24 -52.22
C CYS B 148 -10.21 24.12 -50.89
N ILE B 149 -10.42 25.07 -49.98
CA ILE B 149 -9.81 25.01 -48.66
C ILE B 149 -10.19 23.70 -47.96
N GLU B 150 -11.48 23.42 -47.91
CA GLU B 150 -11.95 22.17 -47.34
C GLU B 150 -11.33 20.94 -48.03
N SER B 151 -11.07 21.01 -49.33
CA SER B 151 -10.49 19.85 -50.01
C SER B 151 -9.04 19.59 -49.55
N ILE B 152 -8.37 20.65 -49.14
CA ILE B 152 -7.06 20.54 -48.54
C ILE B 152 -7.24 19.87 -47.17
N ARG B 153 -8.17 20.40 -46.37
CA ARG B 153 -8.39 19.86 -45.03
C ARG B 153 -8.85 18.42 -44.98
N ASN B 154 -9.48 17.92 -46.03
CA ASN B 154 -10.02 16.57 -45.93
C ASN B 154 -9.27 15.64 -46.85
N GLY B 155 -8.18 16.16 -47.41
CA GLY B 155 -7.27 15.34 -48.20
C GLY B 155 -7.80 14.87 -49.55
N THR B 156 -8.65 15.67 -50.17
CA THR B 156 -9.11 15.38 -51.54
C THR B 156 -8.60 16.39 -52.56
N TYR B 157 -8.04 17.51 -52.11
CA TYR B 157 -7.33 18.45 -52.97
C TYR B 157 -6.46 17.71 -54.01
N ASP B 158 -6.67 17.98 -55.29
CA ASP B 158 -5.87 17.41 -56.39
C ASP B 158 -5.07 18.53 -57.02
N HIS B 159 -3.77 18.54 -56.73
CA HIS B 159 -2.86 19.61 -57.14
C HIS B 159 -2.83 19.87 -58.66
N ASN B 160 -3.13 18.85 -59.46
CA ASN B 160 -3.09 18.98 -60.92
C ASN B 160 -4.09 19.97 -61.50
N ILE B 161 -5.19 20.21 -60.77
CA ILE B 161 -6.25 21.12 -61.22
C ILE B 161 -5.76 22.56 -61.23
N TYR B 162 -4.86 22.89 -60.30
CA TYR B 162 -4.45 24.26 -60.05
C TYR B 162 -3.00 24.48 -60.50
N ARG B 163 -2.36 23.40 -60.95
CA ARG B 163 -0.93 23.42 -61.21
C ARG B 163 -0.48 24.53 -62.18
N ASP B 164 -1.15 24.68 -63.32
CA ASP B 164 -0.66 25.64 -64.32
C ASP B 164 -0.79 27.08 -63.79
N GLU B 165 -1.95 27.37 -63.19
CA GLU B 165 -2.20 28.63 -62.50
C GLU B 165 -1.12 28.92 -61.44
N ALA B 166 -0.88 27.94 -60.57
CA ALA B 166 0.04 28.12 -59.44
C ALA B 166 1.47 28.31 -59.89
N ILE B 167 1.94 27.40 -60.73
CA ILE B 167 3.31 27.46 -61.26
C ILE B 167 3.52 28.76 -62.00
N ASN B 168 2.51 29.22 -62.70
CA ASN B 168 2.63 30.52 -63.37
C ASN B 168 2.75 31.71 -62.41
N ASN B 169 1.94 31.74 -61.36
CA ASN B 169 2.05 32.78 -60.35
C ASN B 169 3.39 32.75 -59.60
N ARG B 170 3.85 31.54 -59.31
CA ARG B 170 5.10 31.33 -58.61
C ARG B 170 6.16 32.06 -59.40
N ILE B 171 6.34 31.67 -60.66
CA ILE B 171 7.10 32.49 -61.59
C ILE B 171 6.24 33.68 -62.00
N LYS B 172 6.68 34.87 -61.64
CA LYS B 172 5.94 36.09 -61.97
C LYS B 172 4.52 35.77 -62.41
CAA EYK C . 4.37 1.58 -18.03
CAL EYK C . 5.62 0.96 -17.46
CAB EYK C . 6.38 2.04 -16.72
CAC EYK C . 6.45 0.39 -18.60
CAK EYK C . 5.25 -0.21 -16.50
CAH EYK C . 3.96 -0.74 -16.46
CAI EYK C . 3.67 -1.79 -15.57
OAD EYK C . 2.44 -2.33 -15.51
CAF EYK C . 4.65 -2.32 -14.75
CAG EYK C . 5.94 -1.80 -14.79
CAJ EYK C . 6.24 -0.75 -15.66
OAE EYK C . 7.52 -0.28 -15.70
#